data_1PP2
#
_entry.id   1PP2
#
_cell.length_a   53.400
_cell.length_b   100.200
_cell.length_c   48.600
_cell.angle_alpha   90.00
_cell.angle_beta   90.00
_cell.angle_gamma   90.00
#
_symmetry.space_group_name_H-M   'P 21 21 21'
#
loop_
_entity.id
_entity.type
_entity.pdbx_description
1 polymer 'CALCIUM-FREE PHOSPHOLIPASE A2'
2 water water
#
_entity_poly.entity_id   1
_entity_poly.type   'polypeptide(L)'
_entity_poly.pdbx_seq_one_letter_code
;SLVQFETLIMKIAGRSGLLWYSAYGCYCGWGGHGLPQDATDRCCFVHDCCYGKATDCNPKTVSYTYSEENGEIICGGDDP
CGTQICECDKAAAICFRDNIPSYDNKYWLFPPKDCREEPEPC
;
_entity_poly.pdbx_strand_id   R,L
#
# COMPACT_ATOMS: atom_id res chain seq x y z
N SER A 1 -12.43 3.47 -0.42
CA SER A 1 -11.11 4.12 -0.80
C SER A 1 -10.16 4.82 0.18
N LEU A 2 -8.91 4.96 -0.35
CA LEU A 2 -7.82 5.56 0.50
C LEU A 2 -8.24 6.87 1.21
N VAL A 3 -8.85 7.69 0.42
CA VAL A 3 -9.30 9.04 0.83
C VAL A 3 -10.35 8.80 1.90
N GLN A 4 -11.11 7.80 1.91
CA GLN A 4 -12.17 7.55 2.90
C GLN A 4 -11.51 6.90 4.12
N PHE A 5 -10.52 6.05 4.03
CA PHE A 5 -9.77 5.41 5.09
C PHE A 5 -9.26 6.58 5.96
N GLU A 6 -8.56 7.45 5.31
CA GLU A 6 -7.92 8.69 5.87
C GLU A 6 -8.92 9.52 6.60
N THR A 7 -10.09 9.76 6.01
CA THR A 7 -11.19 10.44 6.76
C THR A 7 -11.58 9.62 7.96
N LEU A 8 -11.82 8.30 7.85
CA LEU A 8 -12.11 7.51 9.07
C LEU A 8 -11.14 7.77 10.18
N ILE A 9 -9.86 7.70 9.99
CA ILE A 9 -8.77 7.81 10.96
C ILE A 9 -8.92 9.18 11.60
N MET A 10 -8.94 10.28 10.92
CA MET A 10 -9.09 11.60 11.52
C MET A 10 -10.34 11.81 12.44
N LYS A 11 -11.43 11.28 11.86
CA LYS A 11 -12.81 11.30 12.43
C LYS A 11 -12.92 10.41 13.67
N ILE A 12 -12.35 9.23 13.68
CA ILE A 12 -12.33 8.30 14.80
C ILE A 12 -11.10 8.36 15.73
N ALA A 13 -9.86 8.40 15.22
CA ALA A 13 -8.69 8.48 16.05
C ALA A 13 -8.42 9.92 16.35
N GLY A 14 -8.65 10.90 15.52
CA GLY A 14 -8.44 12.33 15.81
C GLY A 14 -7.07 12.74 15.34
N ARG A 15 -6.54 12.13 14.30
CA ARG A 15 -5.27 12.43 13.76
C ARG A 15 -5.18 12.05 12.29
N SER A 16 -4.13 12.71 11.79
CA SER A 16 -3.70 12.58 10.40
C SER A 16 -3.13 11.22 10.23
N GLY A 17 -3.81 10.45 9.41
CA GLY A 17 -3.33 9.08 9.11
C GLY A 17 -2.02 9.32 8.38
N LEU A 18 -1.99 10.22 7.46
CA LEU A 18 -0.72 10.51 6.75
C LEU A 18 0.43 10.89 7.72
N LEU A 19 0.04 11.66 8.70
CA LEU A 19 1.08 12.20 9.56
C LEU A 19 1.23 11.40 10.84
N TRP A 20 0.53 10.42 11.26
CA TRP A 20 0.82 9.66 12.47
C TRP A 20 0.92 8.19 12.06
N TYR A 21 0.31 7.70 11.00
CA TYR A 21 0.39 6.30 10.62
C TYR A 21 0.80 5.85 9.25
N SER A 22 1.17 6.70 8.37
CA SER A 22 1.48 6.24 6.99
C SER A 22 2.86 5.61 6.83
N ALA A 23 3.69 5.92 7.82
CA ALA A 23 5.08 5.36 7.75
C ALA A 23 5.43 4.79 9.06
N TYR A 24 4.50 4.10 9.76
CA TYR A 24 4.86 3.58 11.04
C TYR A 24 5.11 2.08 11.11
N GLY A 25 6.24 1.75 11.81
CA GLY A 25 6.51 0.32 11.96
C GLY A 25 6.80 -0.46 10.73
N CYS A 26 6.75 -1.78 10.74
CA CYS A 26 7.03 -2.69 9.62
C CYS A 26 5.86 -2.85 8.67
N TYR A 27 4.65 -2.70 9.11
CA TYR A 27 3.43 -2.78 8.31
C TYR A 27 2.60 -1.53 8.00
N CYS A 28 2.94 -0.29 8.27
CA CYS A 28 1.86 0.69 8.01
C CYS A 28 1.94 1.17 6.62
N GLY A 29 3.04 0.99 5.95
CA GLY A 29 3.32 1.36 4.59
C GLY A 29 3.29 0.16 3.67
N TRP A 30 4.35 -0.13 2.94
CA TRP A 30 4.34 -1.30 2.01
C TRP A 30 3.90 -2.63 2.63
N GLY A 31 4.23 -3.00 3.81
CA GLY A 31 3.88 -4.25 4.51
C GLY A 31 4.49 -5.53 3.94
N GLY A 32 4.04 -6.73 4.31
CA GLY A 32 4.43 -8.01 3.88
C GLY A 32 5.66 -8.70 4.43
N HIS A 33 6.35 -7.98 5.29
CA HIS A 33 7.59 -8.29 5.95
C HIS A 33 7.74 -7.90 7.41
N GLY A 34 8.47 -8.83 8.11
CA GLY A 34 8.86 -8.64 9.50
C GLY A 34 7.76 -9.01 10.45
N LEU A 35 8.00 -8.53 11.64
CA LEU A 35 7.25 -8.61 12.87
C LEU A 35 6.62 -7.30 13.37
N PRO A 36 5.35 -7.39 13.72
CA PRO A 36 4.67 -6.20 14.24
C PRO A 36 5.54 -5.85 15.45
N GLN A 37 5.83 -4.53 15.48
CA GLN A 37 6.64 -4.03 16.58
C GLN A 37 5.79 -3.66 17.78
N ASP A 38 4.61 -3.24 17.78
CA ASP A 38 3.79 -2.83 18.96
C ASP A 38 2.32 -2.94 18.64
N ALA A 39 1.61 -2.32 19.48
CA ALA A 39 0.08 -2.29 19.50
C ALA A 39 -0.31 -1.72 18.15
N THR A 40 0.05 -0.54 17.87
CA THR A 40 -0.15 0.19 16.61
C THR A 40 0.35 -0.52 15.33
N ASP A 41 1.58 -0.97 15.28
CA ASP A 41 1.97 -1.67 14.00
C ASP A 41 0.96 -2.78 13.74
N ARG A 42 0.53 -3.52 14.72
CA ARG A 42 -0.34 -4.72 14.59
C ARG A 42 -1.72 -4.31 14.05
N CYS A 43 -2.20 -3.16 14.38
CA CYS A 43 -3.48 -2.70 13.84
C CYS A 43 -3.37 -2.71 12.30
N CYS A 44 -2.23 -2.35 11.79
CA CYS A 44 -1.90 -2.33 10.36
C CYS A 44 -1.60 -3.71 9.89
N PHE A 45 -1.26 -4.68 10.68
CA PHE A 45 -0.98 -6.08 10.33
C PHE A 45 -2.35 -6.60 9.97
N VAL A 46 -3.23 -6.46 10.92
CA VAL A 46 -4.62 -7.04 10.72
C VAL A 46 -5.45 -6.32 9.68
N HIS A 47 -5.33 -5.06 9.54
CA HIS A 47 -5.86 -4.15 8.56
C HIS A 47 -5.57 -4.76 7.19
N ASP A 48 -4.32 -5.15 7.08
CA ASP A 48 -3.75 -5.76 5.84
C ASP A 48 -4.23 -7.17 5.52
N CYS A 49 -4.47 -7.97 6.50
CA CYS A 49 -4.97 -9.35 6.46
C CYS A 49 -6.48 -9.25 6.14
N CYS A 50 -7.16 -8.18 6.55
CA CYS A 50 -8.55 -7.83 6.35
C CYS A 50 -8.75 -7.61 4.82
N TYR A 51 -8.07 -6.70 4.22
CA TYR A 51 -8.07 -6.44 2.77
C TYR A 51 -7.71 -7.63 1.93
N GLY A 52 -6.94 -8.59 2.37
CA GLY A 52 -6.52 -9.84 1.74
C GLY A 52 -7.70 -10.77 1.73
N LYS A 53 -8.68 -10.61 2.59
CA LYS A 53 -9.84 -11.54 2.41
C LYS A 53 -10.72 -10.91 1.29
N ALA A 54 -10.67 -9.68 0.79
CA ALA A 54 -11.57 -9.21 -0.27
C ALA A 54 -11.10 -9.54 -1.65
N THR A 55 -11.56 -10.57 -2.28
CA THR A 55 -11.04 -10.91 -3.64
C THR A 55 -11.80 -10.22 -4.74
N ASP A 56 -12.97 -9.63 -4.57
CA ASP A 56 -13.70 -9.09 -5.70
C ASP A 56 -13.63 -7.64 -5.89
N CYS A 57 -12.85 -6.77 -5.32
CA CYS A 57 -12.92 -5.34 -5.61
C CYS A 57 -11.57 -4.74 -5.30
N ASN A 58 -11.35 -3.48 -5.53
CA ASN A 58 -9.97 -2.96 -5.17
C ASN A 58 -10.16 -2.12 -3.91
N PRO A 59 -9.53 -2.61 -2.83
CA PRO A 59 -9.62 -2.01 -1.55
C PRO A 59 -9.30 -0.54 -1.51
N LYS A 60 -8.41 0.02 -2.23
CA LYS A 60 -7.88 1.33 -2.37
C LYS A 60 -8.67 2.25 -3.20
N THR A 61 -9.42 1.69 -4.15
CA THR A 61 -10.26 2.59 -4.96
C THR A 61 -11.77 2.36 -4.83
N VAL A 62 -12.20 1.22 -4.35
CA VAL A 62 -13.66 0.96 -4.15
C VAL A 62 -14.07 2.05 -3.17
N SER A 63 -15.17 2.66 -3.36
CA SER A 63 -15.91 3.69 -2.72
C SER A 63 -17.05 3.18 -1.90
N TYR A 64 -17.12 3.43 -0.61
CA TYR A 64 -18.26 2.94 0.20
C TYR A 64 -18.92 4.14 0.87
N THR A 65 -19.88 3.93 1.74
CA THR A 65 -20.53 5.01 2.40
C THR A 65 -20.37 4.74 3.91
N TYR A 66 -20.44 5.84 4.70
CA TYR A 66 -20.27 5.52 6.19
C TYR A 66 -21.23 6.49 6.82
N SER A 67 -21.70 6.27 8.00
CA SER A 67 -22.69 7.11 8.67
C SER A 67 -22.28 7.29 10.12
N GLU A 68 -22.62 8.44 10.67
CA GLU A 68 -22.38 8.76 12.05
C GLU A 68 -23.68 8.41 12.79
N GLU A 69 -23.68 7.48 13.74
CA GLU A 69 -24.87 7.08 14.47
C GLU A 69 -24.62 7.11 15.98
N ASN A 70 -24.40 8.24 16.60
CA ASN A 70 -24.24 8.49 18.02
C ASN A 70 -22.97 8.03 18.70
N GLY A 71 -21.83 8.43 18.25
CA GLY A 71 -20.51 7.99 18.79
C GLY A 71 -19.85 6.94 17.87
N GLU A 72 -20.71 6.33 17.08
CA GLU A 72 -20.43 5.30 16.16
C GLU A 72 -20.46 5.71 14.70
N ILE A 73 -19.71 5.14 13.81
CA ILE A 73 -19.56 5.18 12.38
C ILE A 73 -20.16 3.78 11.93
N ILE A 74 -21.20 3.84 11.11
CA ILE A 74 -21.88 2.75 10.56
C ILE A 74 -21.48 2.72 9.04
N CYS A 75 -20.99 1.56 8.55
CA CYS A 75 -20.54 1.15 7.27
C CYS A 75 -21.75 0.84 6.38
N GLY A 76 -21.50 1.10 5.09
CA GLY A 76 -22.60 0.81 4.04
C GLY A 76 -21.72 0.70 2.76
N GLY A 77 -22.33 0.54 1.64
CA GLY A 77 -22.07 0.49 0.29
C GLY A 77 -23.07 0.08 -0.77
N ASP A 78 -22.50 0.22 -1.98
CA ASP A 78 -23.29 -0.13 -3.18
C ASP A 78 -23.30 -1.63 -3.35
N ASP A 79 -22.32 -2.24 -2.67
CA ASP A 79 -22.25 -3.70 -2.83
C ASP A 79 -21.49 -4.30 -1.67
N PRO A 80 -21.60 -5.62 -1.55
CA PRO A 80 -20.91 -6.33 -0.51
C PRO A 80 -19.45 -6.13 -0.43
N CYS A 81 -18.63 -6.16 -1.47
CA CYS A 81 -17.17 -5.95 -1.29
C CYS A 81 -16.89 -4.55 -0.82
N GLY A 82 -17.71 -3.54 -1.20
CA GLY A 82 -17.50 -2.16 -0.80
C GLY A 82 -17.72 -1.97 0.70
N THR A 83 -18.66 -2.65 1.29
CA THR A 83 -19.05 -2.66 2.68
C THR A 83 -17.99 -3.37 3.57
N GLN A 84 -17.62 -4.52 3.05
CA GLN A 84 -16.57 -5.38 3.54
C GLN A 84 -15.34 -4.53 3.89
N ILE A 85 -14.73 -3.81 2.92
CA ILE A 85 -13.61 -2.87 2.96
C ILE A 85 -13.92 -1.75 3.95
N CYS A 86 -15.11 -1.11 3.97
CA CYS A 86 -15.36 -0.09 4.99
C CYS A 86 -14.99 -0.62 6.39
N GLU A 87 -15.40 -1.82 6.77
CA GLU A 87 -15.26 -2.48 8.02
C GLU A 87 -13.82 -2.73 8.43
N CYS A 88 -12.97 -3.08 7.52
CA CYS A 88 -11.52 -3.26 7.62
C CYS A 88 -10.99 -1.93 8.09
N ASP A 89 -11.32 -0.87 7.45
CA ASP A 89 -10.85 0.51 7.73
C ASP A 89 -11.35 1.19 9.03
N LYS A 90 -12.54 0.85 9.38
CA LYS A 90 -13.29 1.27 10.57
C LYS A 90 -12.66 0.62 11.82
N ALA A 91 -12.36 -0.63 11.74
CA ALA A 91 -11.69 -1.47 12.73
C ALA A 91 -10.27 -0.99 12.94
N ALA A 92 -9.48 -0.66 11.92
CA ALA A 92 -8.14 -0.08 11.96
C ALA A 92 -8.08 1.31 12.66
N ALA A 93 -8.99 2.21 12.37
CA ALA A 93 -9.06 3.54 12.97
C ALA A 93 -9.45 3.35 14.48
N ILE A 94 -10.29 2.38 14.76
CA ILE A 94 -10.70 2.10 16.16
C ILE A 94 -9.46 1.57 16.88
N CYS A 95 -8.74 0.58 16.30
CA CYS A 95 -7.48 0.12 16.95
C CYS A 95 -6.52 1.28 17.06
N PHE A 96 -6.44 2.15 16.05
CA PHE A 96 -5.45 3.26 16.18
C PHE A 96 -5.84 4.08 17.40
N ARG A 97 -7.10 4.49 17.33
CA ARG A 97 -7.73 5.25 18.36
C ARG A 97 -7.27 4.83 19.75
N ASP A 98 -7.40 3.58 20.05
CA ASP A 98 -7.21 2.97 21.32
C ASP A 98 -5.86 2.50 21.75
N ASN A 99 -4.76 2.69 21.30
CA ASN A 99 -3.41 2.29 21.51
C ASN A 99 -2.62 3.62 21.35
N ILE A 100 -3.31 4.72 21.40
CA ILE A 100 -2.73 6.04 21.31
C ILE A 100 -1.74 6.19 22.47
N PRO A 101 -2.12 5.74 23.65
CA PRO A 101 -1.22 5.77 24.86
C PRO A 101 0.13 5.04 24.59
N SER A 102 0.06 3.90 23.83
CA SER A 102 1.37 3.29 23.59
C SER A 102 2.00 3.84 22.33
N TYR A 103 1.59 4.91 21.70
CA TYR A 103 2.25 5.29 20.39
C TYR A 103 3.67 5.78 20.62
N ASP A 104 4.62 5.17 19.94
CA ASP A 104 6.10 5.45 20.04
C ASP A 104 6.69 5.87 18.72
N ASN A 105 7.19 7.11 18.74
CA ASN A 105 7.81 7.79 17.64
C ASN A 105 9.06 7.16 17.10
N LYS A 106 9.65 6.17 17.74
CA LYS A 106 10.79 5.36 17.50
C LYS A 106 10.35 4.40 16.41
N TYR A 107 8.99 4.25 16.27
CA TYR A 107 8.69 3.30 15.12
C TYR A 107 8.23 4.15 13.92
N TRP A 108 8.46 5.46 13.92
CA TRP A 108 8.14 6.44 12.94
C TRP A 108 9.31 6.56 11.97
N LEU A 109 9.17 6.10 10.76
CA LEU A 109 10.13 6.12 9.68
C LEU A 109 11.25 5.08 10.03
N PHE A 110 10.82 3.90 10.36
CA PHE A 110 11.36 2.67 10.77
C PHE A 110 12.07 2.01 9.60
N PRO A 111 13.37 1.90 9.54
CA PRO A 111 14.04 1.19 8.48
C PRO A 111 13.60 -0.20 8.13
N PRO A 112 13.18 -0.44 6.90
CA PRO A 112 12.77 -1.71 6.38
C PRO A 112 13.67 -2.91 6.69
N LYS A 113 14.87 -2.49 6.80
CA LYS A 113 16.00 -3.40 7.00
C LYS A 113 15.98 -4.03 8.35
N ASP A 114 15.03 -3.80 9.21
CA ASP A 114 14.77 -4.18 10.59
C ASP A 114 13.46 -4.99 10.53
N CYS A 115 12.96 -5.29 9.32
CA CYS A 115 11.77 -5.95 8.94
C CYS A 115 11.94 -7.06 7.90
N ARG A 116 13.13 -7.58 7.77
CA ARG A 116 13.57 -8.69 6.95
C ARG A 116 12.87 -9.96 7.46
N GLU A 117 12.55 -9.94 8.71
CA GLU A 117 11.85 -11.14 9.43
C GLU A 117 10.76 -11.64 8.53
N GLU A 118 10.45 -12.89 8.34
CA GLU A 118 9.39 -13.47 7.52
C GLU A 118 8.06 -13.31 8.27
N PRO A 119 6.98 -13.01 7.60
CA PRO A 119 5.69 -12.82 8.27
C PRO A 119 5.04 -14.11 8.75
N GLU A 120 4.14 -13.98 9.71
CA GLU A 120 3.34 -14.95 10.42
C GLU A 120 2.01 -14.99 9.66
N PRO A 121 1.29 -16.07 9.70
CA PRO A 121 0.08 -16.12 8.93
C PRO A 121 -0.89 -15.06 9.43
N CYS A 122 -1.67 -14.59 8.38
CA CYS A 122 -2.72 -13.64 8.72
C CYS A 122 -3.59 -14.52 9.66
N SER B 1 0.01 -10.76 -7.29
CA SER B 1 0.40 -10.44 -5.92
C SER B 1 1.54 -9.53 -5.57
N LEU B 2 1.66 -9.09 -4.38
CA LEU B 2 2.81 -8.27 -3.92
C LEU B 2 4.00 -9.23 -4.03
N VAL B 3 3.95 -10.42 -3.43
CA VAL B 3 5.03 -11.41 -3.55
C VAL B 3 5.45 -11.48 -5.03
N GLN B 4 4.57 -11.55 -5.95
CA GLN B 4 4.86 -11.66 -7.41
C GLN B 4 5.52 -10.40 -7.90
N PHE B 5 5.25 -9.26 -7.40
CA PHE B 5 5.68 -7.88 -7.66
C PHE B 5 7.09 -7.82 -7.16
N GLU B 6 7.34 -8.22 -5.95
CA GLU B 6 8.71 -8.19 -5.41
C GLU B 6 9.66 -9.08 -6.24
N THR B 7 9.40 -10.30 -6.52
CA THR B 7 10.18 -11.14 -7.32
C THR B 7 10.36 -10.57 -8.71
N LEU B 8 9.46 -9.77 -9.30
CA LEU B 8 9.78 -9.30 -10.69
C LEU B 8 10.79 -8.18 -10.56
N ILE B 9 10.76 -7.33 -9.58
CA ILE B 9 11.64 -6.23 -9.24
C ILE B 9 13.04 -6.87 -9.07
N MET B 10 13.27 -7.89 -8.30
CA MET B 10 14.59 -8.53 -8.23
C MET B 10 15.03 -9.12 -9.56
N LYS B 11 14.18 -9.87 -10.24
CA LYS B 11 14.48 -10.52 -11.55
C LYS B 11 14.92 -9.48 -12.55
N ILE B 12 14.13 -8.45 -12.64
CA ILE B 12 14.37 -7.36 -13.63
C ILE B 12 15.29 -6.19 -13.25
N ALA B 13 15.12 -5.73 -11.98
CA ALA B 13 15.88 -4.62 -11.45
C ALA B 13 17.14 -4.99 -10.68
N GLY B 14 17.15 -6.23 -10.23
CA GLY B 14 18.29 -6.77 -9.50
C GLY B 14 18.44 -6.11 -8.16
N ARG B 15 17.44 -5.66 -7.47
CA ARG B 15 17.49 -5.05 -6.16
C ARG B 15 16.12 -5.34 -5.52
N SER B 16 16.16 -5.39 -4.15
CA SER B 16 14.97 -5.70 -3.36
C SER B 16 14.05 -4.49 -3.29
N GLY B 17 12.79 -4.87 -3.42
CA GLY B 17 11.74 -3.84 -3.34
C GLY B 17 11.70 -3.36 -1.86
N LEU B 18 11.69 -4.37 -0.96
CA LEU B 18 11.61 -4.04 0.44
C LEU B 18 12.65 -3.01 0.91
N LEU B 19 13.89 -3.29 0.54
CA LEU B 19 15.08 -2.54 0.92
C LEU B 19 15.45 -1.39 0.06
N TRP B 20 15.01 -1.35 -1.17
CA TRP B 20 15.35 -0.23 -2.11
C TRP B 20 14.13 0.67 -2.45
N TYR B 21 12.86 0.22 -2.27
CA TYR B 21 11.79 1.17 -2.67
C TYR B 21 10.51 1.26 -1.83
N SER B 22 10.42 0.58 -0.74
CA SER B 22 9.21 0.45 0.08
C SER B 22 9.02 1.77 0.77
N ALA B 23 10.09 2.51 0.85
CA ALA B 23 9.95 3.83 1.51
C ALA B 23 10.70 4.92 0.80
N TYR B 24 10.64 4.92 -0.51
CA TYR B 24 11.25 5.84 -1.45
C TYR B 24 10.31 6.92 -1.92
N GLY B 25 10.64 8.17 -1.72
CA GLY B 25 9.88 9.32 -2.16
C GLY B 25 8.47 9.46 -1.65
N CYS B 26 7.57 10.18 -2.27
CA CYS B 26 6.20 10.37 -1.87
C CYS B 26 5.18 9.32 -2.28
N TYR B 27 5.42 8.36 -3.09
CA TYR B 27 4.42 7.42 -3.56
C TYR B 27 4.61 5.94 -3.46
N CYS B 28 5.84 5.53 -3.22
CA CYS B 28 6.15 4.06 -3.18
C CYS B 28 5.50 3.40 -2.01
N GLY B 29 5.24 3.83 -0.84
CA GLY B 29 4.60 3.27 0.30
C GLY B 29 3.09 3.65 0.19
N TRP B 30 2.66 4.15 1.35
CA TRP B 30 1.25 4.59 1.44
C TRP B 30 0.84 5.31 0.16
N GLY B 31 1.27 6.44 -0.25
CA GLY B 31 0.91 7.18 -1.52
C GLY B 31 -0.34 8.03 -1.27
N GLY B 32 -0.93 8.52 -2.39
CA GLY B 32 -2.15 9.25 -2.24
C GLY B 32 -1.94 10.74 -2.15
N HIS B 33 -0.72 11.22 -1.99
CA HIS B 33 -0.43 12.63 -1.85
C HIS B 33 0.99 13.02 -2.21
N GLY B 34 1.13 14.33 -2.36
CA GLY B 34 2.54 14.84 -2.61
C GLY B 34 2.82 15.04 -4.07
N LEU B 35 3.95 15.55 -4.37
CA LEU B 35 4.42 15.77 -5.75
C LEU B 35 5.51 14.71 -6.01
N PRO B 36 5.54 13.96 -7.06
CA PRO B 36 6.57 12.99 -7.40
C PRO B 36 7.97 13.64 -7.28
N GLN B 37 8.72 13.07 -6.36
CA GLN B 37 10.07 13.71 -6.14
C GLN B 37 11.07 13.51 -7.28
N ASP B 38 10.91 12.48 -8.09
CA ASP B 38 11.89 12.26 -9.19
C ASP B 38 11.27 11.17 -10.05
N ALA B 39 12.14 10.64 -10.89
CA ALA B 39 11.82 9.62 -11.85
C ALA B 39 11.31 8.41 -11.16
N THR B 40 12.13 7.77 -10.35
CA THR B 40 11.82 6.56 -9.57
C THR B 40 10.52 6.84 -8.78
N ASP B 41 10.33 8.02 -8.28
CA ASP B 41 9.13 8.40 -7.49
C ASP B 41 7.96 8.41 -8.48
N ARG B 42 8.19 8.78 -9.72
CA ARG B 42 7.17 8.79 -10.80
C ARG B 42 6.85 7.37 -11.24
N CYS B 43 7.77 6.40 -11.31
CA CYS B 43 7.47 5.02 -11.59
C CYS B 43 6.32 4.45 -10.77
N CYS B 44 6.38 4.88 -9.52
CA CYS B 44 5.52 4.59 -8.39
C CYS B 44 4.10 5.13 -8.56
N PHE B 45 3.86 6.31 -8.89
CA PHE B 45 2.69 7.02 -9.13
C PHE B 45 2.04 6.34 -10.32
N VAL B 46 2.75 6.16 -11.47
CA VAL B 46 2.27 5.52 -12.65
C VAL B 46 1.85 4.10 -12.20
N HIS B 47 2.50 3.50 -11.18
CA HIS B 47 2.11 2.13 -10.76
C HIS B 47 0.74 2.02 -10.04
N ASP B 48 0.47 2.94 -9.15
CA ASP B 48 -0.80 3.05 -8.47
C ASP B 48 -2.02 3.42 -9.31
N CYS B 49 -1.78 4.27 -10.27
CA CYS B 49 -2.72 4.77 -11.25
C CYS B 49 -3.25 3.58 -12.08
N CYS B 50 -2.49 2.57 -12.41
CA CYS B 50 -2.79 1.39 -13.22
C CYS B 50 -3.59 0.39 -12.38
N TYR B 51 -3.12 0.18 -11.13
CA TYR B 51 -3.80 -0.69 -10.15
C TYR B 51 -5.25 -0.18 -10.01
N GLY B 52 -5.31 1.13 -10.12
CA GLY B 52 -6.38 2.04 -10.06
C GLY B 52 -7.43 1.78 -11.15
N LYS B 53 -6.98 1.31 -12.27
CA LYS B 53 -7.91 0.99 -13.36
C LYS B 53 -8.42 -0.42 -13.19
N ALA B 54 -8.10 -1.08 -12.08
CA ALA B 54 -8.59 -2.51 -11.94
C ALA B 54 -9.74 -2.32 -10.96
N THR B 55 -10.90 -2.94 -11.11
CA THR B 55 -11.95 -2.53 -10.10
C THR B 55 -12.59 -3.85 -9.68
N ASP B 56 -12.19 -4.93 -10.32
CA ASP B 56 -12.66 -6.27 -10.20
C ASP B 56 -11.85 -7.30 -9.36
N CYS B 57 -10.69 -6.87 -8.88
CA CYS B 57 -9.84 -7.83 -8.15
C CYS B 57 -8.96 -6.98 -7.20
N ASN B 58 -8.44 -7.72 -6.22
CA ASN B 58 -7.57 -7.13 -5.24
C ASN B 58 -6.16 -7.18 -5.84
N PRO B 59 -5.68 -6.06 -6.23
CA PRO B 59 -4.32 -5.99 -6.74
C PRO B 59 -3.29 -6.64 -5.85
N LYS B 60 -3.52 -6.87 -4.54
CA LYS B 60 -2.40 -7.43 -3.72
C LYS B 60 -2.52 -8.92 -3.47
N THR B 61 -3.61 -9.56 -3.59
CA THR B 61 -3.80 -10.99 -3.36
C THR B 61 -3.99 -11.70 -4.69
N VAL B 62 -4.46 -10.96 -5.67
CA VAL B 62 -4.62 -11.59 -7.01
C VAL B 62 -3.24 -12.20 -7.40
N SER B 63 -3.22 -13.43 -7.82
CA SER B 63 -1.99 -14.14 -8.25
C SER B 63 -2.14 -14.48 -9.72
N TYR B 64 -1.15 -14.32 -10.50
CA TYR B 64 -1.04 -14.49 -11.91
C TYR B 64 0.12 -15.37 -12.27
N THR B 65 0.27 -15.64 -13.55
CA THR B 65 1.25 -16.52 -14.15
C THR B 65 1.98 -15.60 -15.13
N TYR B 66 3.21 -15.73 -15.40
CA TYR B 66 4.05 -15.01 -16.32
C TYR B 66 4.99 -16.11 -16.81
N SER B 67 5.59 -15.90 -17.95
CA SER B 67 6.54 -16.82 -18.63
C SER B 67 7.64 -15.92 -19.00
N GLU B 68 8.83 -16.25 -19.37
CA GLU B 68 9.81 -15.16 -19.71
C GLU B 68 10.28 -15.74 -21.02
N GLU B 69 10.42 -15.16 -22.17
CA GLU B 69 10.89 -15.92 -23.35
C GLU B 69 11.44 -14.94 -24.39
N ASN B 70 12.74 -15.09 -24.47
CA ASN B 70 13.88 -14.53 -25.12
C ASN B 70 14.06 -13.23 -24.31
N GLY B 71 14.29 -13.40 -23.03
CA GLY B 71 14.54 -12.28 -22.12
C GLY B 71 13.38 -11.30 -22.07
N GLU B 72 12.18 -11.77 -22.34
CA GLU B 72 11.01 -10.89 -22.27
C GLU B 72 9.98 -11.53 -21.37
N ILE B 73 9.39 -10.78 -20.45
CA ILE B 73 8.39 -11.33 -19.55
C ILE B 73 7.01 -11.24 -20.25
N ILE B 74 6.32 -12.40 -20.11
CA ILE B 74 4.93 -12.37 -20.73
C ILE B 74 3.82 -12.60 -19.72
N CYS B 75 3.00 -11.63 -19.42
CA CYS B 75 1.85 -11.76 -18.44
C CYS B 75 0.75 -12.72 -18.89
N GLY B 76 -0.02 -13.38 -18.03
CA GLY B 76 -1.07 -14.32 -18.43
C GLY B 76 -2.03 -14.84 -17.36
N GLY B 77 -2.63 -16.02 -17.53
CA GLY B 77 -3.54 -16.53 -16.49
C GLY B 77 -5.03 -16.43 -16.83
N ASP B 78 -5.84 -17.16 -16.16
CA ASP B 78 -7.28 -17.35 -16.20
C ASP B 78 -8.00 -16.25 -15.47
N ASP B 79 -7.19 -15.19 -15.15
CA ASP B 79 -7.90 -14.03 -14.54
C ASP B 79 -7.40 -12.81 -15.28
N PRO B 80 -8.27 -12.25 -16.13
CA PRO B 80 -8.09 -11.05 -16.94
C PRO B 80 -7.80 -9.84 -16.05
N CYS B 81 -8.33 -9.73 -14.87
CA CYS B 81 -8.12 -8.74 -13.83
C CYS B 81 -6.67 -9.01 -13.27
N GLY B 82 -6.18 -10.19 -13.22
CA GLY B 82 -4.81 -10.54 -12.77
C GLY B 82 -3.76 -10.24 -13.84
N THR B 83 -4.18 -10.62 -15.05
CA THR B 83 -3.26 -10.40 -16.20
C THR B 83 -2.74 -9.00 -16.33
N GLN B 84 -3.73 -8.17 -16.10
CA GLN B 84 -3.83 -6.70 -16.09
C GLN B 84 -3.01 -6.09 -14.93
N ILE B 85 -2.95 -6.77 -13.82
CA ILE B 85 -2.15 -6.33 -12.66
C ILE B 85 -0.69 -6.82 -12.88
N CYS B 86 -0.61 -8.00 -13.56
CA CYS B 86 0.78 -8.42 -13.87
C CYS B 86 1.34 -7.38 -14.77
N GLU B 87 0.72 -6.92 -15.88
CA GLU B 87 1.26 -5.95 -16.86
C GLU B 87 1.75 -4.63 -16.28
N CYS B 88 1.08 -4.14 -15.28
CA CYS B 88 1.29 -3.00 -14.46
C CYS B 88 2.59 -3.29 -13.57
N ASP B 89 2.66 -4.50 -13.16
CA ASP B 89 3.80 -5.01 -12.26
C ASP B 89 5.08 -4.99 -13.03
N LYS B 90 5.17 -5.64 -14.15
CA LYS B 90 6.10 -5.71 -15.20
C LYS B 90 6.75 -4.32 -15.47
N ALA B 91 5.92 -3.38 -15.88
CA ALA B 91 6.25 -2.05 -16.21
C ALA B 91 6.83 -1.21 -15.08
N ALA B 92 6.59 -1.55 -13.81
CA ALA B 92 7.02 -0.76 -12.68
C ALA B 92 8.46 -1.27 -12.43
N ALA B 93 8.66 -2.55 -12.58
CA ALA B 93 10.06 -3.12 -12.39
C ALA B 93 10.95 -2.60 -13.53
N ILE B 94 10.58 -2.53 -14.80
CA ILE B 94 11.40 -1.95 -15.92
C ILE B 94 11.65 -0.46 -15.68
N CYS B 95 10.61 0.21 -15.27
CA CYS B 95 10.52 1.59 -14.90
C CYS B 95 11.66 1.86 -13.85
N PHE B 96 11.68 1.06 -12.84
CA PHE B 96 12.65 1.00 -11.76
C PHE B 96 14.08 0.75 -12.27
N ARG B 97 14.38 -0.28 -13.01
CA ARG B 97 15.68 -0.67 -13.56
C ARG B 97 16.42 0.41 -14.35
N ASP B 98 15.53 1.11 -15.12
CA ASP B 98 16.06 2.24 -15.93
C ASP B 98 16.15 3.60 -15.21
N ASN B 99 15.66 3.73 -14.00
CA ASN B 99 15.81 5.06 -13.38
C ASN B 99 16.82 4.90 -12.24
N ILE B 100 17.43 3.78 -11.99
CA ILE B 100 18.45 3.52 -10.96
C ILE B 100 19.52 4.60 -11.04
N PRO B 101 20.07 4.83 -12.23
CA PRO B 101 21.12 5.79 -12.46
C PRO B 101 20.85 7.14 -11.80
N SER B 102 19.57 7.51 -11.54
CA SER B 102 19.28 8.79 -10.92
C SER B 102 18.67 8.53 -9.52
N TYR B 103 18.64 7.35 -9.01
CA TYR B 103 18.13 7.00 -7.66
C TYR B 103 18.87 7.79 -6.60
N ASP B 104 18.17 8.35 -5.66
CA ASP B 104 18.86 9.15 -4.63
C ASP B 104 18.22 8.89 -3.27
N ASN B 105 19.15 8.47 -2.42
CA ASN B 105 18.89 8.08 -1.02
C ASN B 105 18.37 9.17 -0.13
N LYS B 106 18.32 10.34 -0.77
CA LYS B 106 17.89 11.63 -0.03
C LYS B 106 16.41 11.59 0.03
N TYR B 107 15.81 10.75 -0.83
CA TYR B 107 14.44 10.36 -1.02
C TYR B 107 14.06 9.00 -0.37
N TRP B 108 15.03 8.46 0.42
CA TRP B 108 14.89 7.20 1.17
C TRP B 108 14.43 7.59 2.59
N LEU B 109 13.27 7.03 2.92
CA LEU B 109 12.64 7.33 4.20
C LEU B 109 12.15 8.79 4.16
N PHE B 110 11.60 9.21 3.02
CA PHE B 110 11.06 10.60 2.81
C PHE B 110 9.88 10.83 3.69
N PRO B 111 10.09 11.82 4.59
CA PRO B 111 9.02 12.21 5.47
C PRO B 111 7.73 12.73 4.77
N PRO B 112 6.64 11.99 4.97
CA PRO B 112 5.26 12.28 4.59
C PRO B 112 4.86 13.74 4.81
N LYS B 113 5.59 14.35 5.77
CA LYS B 113 5.43 15.82 6.11
C LYS B 113 5.50 16.76 4.85
N ASP B 114 6.41 16.45 3.94
CA ASP B 114 6.75 17.03 2.69
C ASP B 114 5.91 16.47 1.52
N CYS B 115 4.84 15.71 1.79
CA CYS B 115 4.08 15.11 0.64
C CYS B 115 2.61 15.39 0.75
N ARG B 116 2.30 16.57 1.18
CA ARG B 116 0.93 16.98 1.38
C ARG B 116 0.20 17.59 0.21
N GLU B 117 0.77 17.93 -0.90
CA GLU B 117 0.01 18.53 -1.98
C GLU B 117 -0.99 17.46 -2.38
N GLU B 118 -1.79 18.03 -3.22
CA GLU B 118 -2.87 17.18 -3.81
C GLU B 118 -2.16 16.49 -5.01
N PRO B 119 -2.44 15.22 -5.14
CA PRO B 119 -1.90 14.46 -6.27
C PRO B 119 -2.54 15.02 -7.57
N GLU B 120 -1.83 14.80 -8.67
CA GLU B 120 -2.08 15.12 -10.03
C GLU B 120 -3.00 14.02 -10.56
N PRO B 121 -3.77 14.40 -11.56
CA PRO B 121 -4.69 13.41 -12.12
C PRO B 121 -3.88 12.21 -12.59
N CYS B 122 -4.54 11.08 -12.72
CA CYS B 122 -3.82 9.92 -13.28
C CYS B 122 -3.73 10.01 -14.81
#